data_4WWA
#
_entry.id   4WWA
#
_cell.length_a   111.540
_cell.length_b   111.540
_cell.length_c   86.420
_cell.angle_alpha   90.00
_cell.angle_beta   90.00
_cell.angle_gamma   90.00
#
_symmetry.space_group_name_H-M   'I 41'
#
loop_
_entity.id
_entity.type
_entity.pdbx_description
1 polymer 'EKC/KEOPS complex subunit BUD32'
2 polymer 'EKC/KEOPS complex subunit CGI121'
3 non-polymer 'SULFATE ION'
4 water water
#
loop_
_entity_poly.entity_id
_entity_poly.type
_entity_poly.pdbx_seq_one_letter_code
_entity_poly.pdbx_strand_id
1 'polypeptide(L)'
;MTQEFIDKVSSYLTPDVDIAPISQGAEAIVFTTTTHPYLPRAKDSHQKYIIKYRPPKRYRHPQIDQALTKHRTLNESRLL
AKLYLIPGLCVPQLIACDPYNGFIWLEFLGEDLPGGHGFSNLKNFLWMHDQDPYSDLVATTLRKVGRQIGLLHWNDYCHG
DLTSSNIVLVRDGARWTPHLIDFGLGSVSNLVEDKGVDLYVLERAILSTHSKHAEKYNAWIMEGFEEVYREQGAKGAKKL
KEVTKRFEEVRLRGRKRSMLG
;
A
2 'polypeptide(L)'
;MVVSIIPQFPDIKVSLALFEQVKNAKEIRSKMSELSTSFAFIDPRLVCSGEQMYSAIYKTLIEVKYNKMRTRNLNSECVL
CLSPTSNISDAFLKFGIKDDSSQLICLKFHTNTDDVDKEQLRTIMTSIVKGQEIEFNDDNLSRFYDEALIRKIYKLSDDF
KPQDVNGLSRALVDAIQLRGVHHHHHH
;
B
#
loop_
_chem_comp.id
_chem_comp.type
_chem_comp.name
_chem_comp.formula
SO4 non-polymer 'SULFATE ION' 'O4 S -2'
#
# COMPACT_ATOMS: atom_id res chain seq x y z
N GLU A 4 0.97 25.77 -16.77
CA GLU A 4 0.46 25.47 -15.44
C GLU A 4 0.86 24.08 -14.99
N PHE A 5 1.38 23.95 -13.78
CA PHE A 5 1.73 22.62 -13.29
C PHE A 5 0.49 21.73 -13.32
N ILE A 6 -0.65 22.26 -12.90
CA ILE A 6 -1.89 21.48 -12.99
C ILE A 6 -2.07 20.94 -14.43
N ASP A 7 -1.78 21.77 -15.44
CA ASP A 7 -1.85 21.36 -16.84
C ASP A 7 -1.08 20.08 -17.14
N LYS A 8 0.18 20.05 -16.72
CA LYS A 8 1.03 18.86 -16.90
C LYS A 8 0.49 17.63 -16.16
N VAL A 9 0.18 17.78 -14.88
CA VAL A 9 -0.48 16.72 -14.13
C VAL A 9 -1.69 16.19 -14.89
N SER A 10 -2.66 17.07 -15.18
CA SER A 10 -3.91 16.69 -15.85
C SER A 10 -3.65 15.92 -17.12
N SER A 11 -2.75 16.46 -17.94
CA SER A 11 -2.38 15.79 -19.18
C SER A 11 -1.85 14.39 -18.90
N TYR A 12 -1.15 14.25 -17.78
CA TYR A 12 -0.53 12.98 -17.42
C TYR A 12 -1.52 11.85 -17.14
N LEU A 13 -2.51 12.11 -16.29
CA LEU A 13 -3.49 11.10 -15.92
C LEU A 13 -4.71 11.12 -16.83
N THR A 14 -4.70 12.03 -17.80
CA THR A 14 -5.79 12.20 -18.78
C THR A 14 -7.13 12.70 -18.17
N PRO A 15 -8.11 13.01 -19.04
CA PRO A 15 -9.42 13.42 -18.52
C PRO A 15 -10.09 12.29 -17.74
N ASP A 16 -9.60 11.06 -17.89
CA ASP A 16 -10.19 9.88 -17.26
C ASP A 16 -10.20 9.97 -15.75
N VAL A 17 -9.23 10.70 -15.22
CA VAL A 17 -9.07 10.81 -13.78
C VAL A 17 -9.43 12.20 -13.30
N ASP A 18 -10.49 12.27 -12.51
CA ASP A 18 -10.85 13.49 -11.83
C ASP A 18 -9.87 13.78 -10.72
N ILE A 19 -9.30 14.97 -10.70
CA ILE A 19 -8.47 15.31 -9.53
C ILE A 19 -9.07 16.49 -8.81
N ALA A 20 -8.60 16.70 -7.59
CA ALA A 20 -9.03 17.84 -6.79
C ALA A 20 -7.89 18.25 -5.89
N PRO A 21 -7.15 19.28 -6.34
CA PRO A 21 -6.02 19.85 -5.60
C PRO A 21 -6.32 19.98 -4.10
N ILE A 22 -5.31 19.79 -3.26
CA ILE A 22 -5.53 19.73 -1.81
C ILE A 22 -4.41 20.40 -0.97
N SER A 23 -3.18 20.37 -1.49
CA SER A 23 -2.02 20.98 -0.84
C SER A 23 -0.92 21.34 -1.84
N GLN A 24 0.07 22.13 -1.42
CA GLN A 24 1.15 22.54 -2.33
C GLN A 24 2.58 22.53 -1.73
N GLY A 25 3.56 22.86 -2.57
CA GLY A 25 4.96 22.93 -2.18
C GLY A 25 5.45 21.90 -1.17
N ILE A 29 2.90 18.78 -3.79
CA ILE A 29 1.62 18.87 -4.50
C ILE A 29 0.76 17.61 -4.36
N VAL A 30 -0.46 17.75 -3.87
CA VAL A 30 -1.31 16.60 -3.56
C VAL A 30 -2.73 16.73 -4.13
N PHE A 31 -3.33 15.62 -4.54
CA PHE A 31 -4.71 15.64 -5.05
C PHE A 31 -5.62 14.62 -4.37
N THR A 32 -6.90 14.72 -4.68
CA THR A 32 -7.84 13.65 -4.41
C THR A 32 -8.42 13.19 -5.73
N THR A 33 -8.96 11.98 -5.73
CA THR A 33 -9.57 11.40 -6.92
C THR A 33 -10.45 10.23 -6.49
N THR A 34 -11.60 10.09 -7.14
CA THR A 34 -12.47 8.96 -6.83
C THR A 34 -12.23 7.85 -7.84
N THR A 35 -11.24 8.09 -8.69
CA THR A 35 -10.80 7.09 -9.67
C THR A 35 -9.57 6.25 -9.19
N HIS A 36 -9.73 4.93 -9.22
CA HIS A 36 -8.68 3.97 -8.92
C HIS A 36 -7.80 3.78 -10.16
N PRO A 37 -6.46 3.81 -9.97
CA PRO A 37 -5.46 3.80 -11.04
C PRO A 37 -5.52 2.58 -11.94
N TYR A 38 -6.06 1.46 -11.46
CA TYR A 38 -6.09 0.25 -12.29
C TYR A 38 -7.35 -0.64 -12.14
N LEU A 39 -7.91 -0.72 -10.95
CA LEU A 39 -9.14 -1.48 -10.76
C LEU A 39 -10.34 -0.86 -11.46
N PRO A 40 -11.17 -1.70 -12.08
CA PRO A 40 -12.47 -1.35 -12.67
C PRO A 40 -13.44 -0.72 -11.66
N GLN A 47 -13.76 4.42 -2.50
CA GLN A 47 -14.42 5.70 -2.76
C GLN A 47 -13.42 6.80 -3.16
N LYS A 48 -12.64 7.30 -2.20
CA LYS A 48 -11.72 8.42 -2.47
C LYS A 48 -10.24 8.07 -2.27
N TYR A 49 -9.38 8.69 -3.08
CA TYR A 49 -7.97 8.33 -3.10
C TYR A 49 -7.04 9.54 -3.00
N ILE A 50 -5.74 9.28 -2.93
CA ILE A 50 -4.73 10.32 -2.79
C ILE A 50 -3.66 10.18 -3.87
N ILE A 51 -3.26 11.31 -4.46
CA ILE A 51 -2.16 11.36 -5.42
C ILE A 51 -1.10 12.36 -5.00
N LYS A 52 0.13 11.88 -4.82
CA LYS A 52 1.27 12.75 -4.53
C LYS A 52 2.11 12.90 -5.78
N TYR A 53 2.43 14.13 -6.13
CA TYR A 53 3.36 14.38 -7.24
C TYR A 53 4.59 15.20 -6.79
N ARG A 54 5.74 14.88 -7.36
CA ARG A 54 6.99 15.51 -6.96
C ARG A 54 8.05 15.35 -8.06
N ARG A 72 13.12 10.58 -2.91
CA ARG A 72 12.15 11.52 -2.33
C ARG A 72 10.74 10.91 -2.17
N THR A 73 10.05 10.64 -3.27
CA THR A 73 8.80 9.87 -3.21
C THR A 73 9.17 8.39 -3.07
N LEU A 74 10.02 7.91 -3.97
CA LEU A 74 10.57 6.56 -3.90
C LEU A 74 10.85 6.11 -2.47
N ASN A 75 11.38 7.02 -1.65
CA ASN A 75 11.62 6.75 -0.26
C ASN A 75 10.31 6.37 0.42
N GLU A 76 9.36 7.30 0.36
CA GLU A 76 8.03 7.15 0.98
C GLU A 76 7.36 5.85 0.63
N SER A 77 7.46 5.44 -0.62
CA SER A 77 6.86 4.20 -1.11
C SER A 77 7.47 2.99 -0.44
N ARG A 78 8.78 2.80 -0.64
CA ARG A 78 9.53 1.75 0.02
C ARG A 78 9.07 1.64 1.46
N LEU A 79 9.34 2.67 2.25
CA LEU A 79 8.95 2.68 3.65
C LEU A 79 7.55 2.12 3.86
N LEU A 80 6.57 2.73 3.21
CA LEU A 80 5.17 2.37 3.40
C LEU A 80 4.99 0.86 3.25
N ALA A 81 5.70 0.28 2.29
CA ALA A 81 5.68 -1.16 2.07
C ALA A 81 6.20 -1.92 3.29
N LYS A 82 7.40 -1.56 3.75
CA LYS A 82 8.02 -2.17 4.91
C LYS A 82 7.13 -1.99 6.13
N LEU A 83 6.61 -0.78 6.31
CA LEU A 83 5.87 -0.46 7.52
C LEU A 83 4.57 -1.25 7.61
N TYR A 84 3.97 -1.49 6.45
CA TYR A 84 2.74 -2.22 6.41
C TYR A 84 2.95 -3.58 7.09
N LEU A 85 4.08 -4.21 6.74
CA LEU A 85 4.39 -5.57 7.16
C LEU A 85 4.66 -5.75 8.65
N ILE A 86 4.87 -4.66 9.36
CA ILE A 86 4.99 -4.73 10.80
C ILE A 86 3.60 -4.88 11.36
N PRO A 87 3.38 -5.96 12.12
CA PRO A 87 2.06 -6.24 12.70
C PRO A 87 1.70 -5.11 13.66
N GLY A 88 0.48 -4.60 13.53
CA GLY A 88 -0.04 -3.60 14.46
C GLY A 88 0.08 -2.17 13.97
N LEU A 89 1.13 -1.91 13.19
CA LEU A 89 1.44 -0.57 12.69
C LEU A 89 0.48 -0.13 11.60
N CYS A 90 -0.16 1.01 11.82
CA CYS A 90 -1.18 1.54 10.91
C CYS A 90 -0.60 2.64 10.00
N VAL A 91 -0.71 2.44 8.69
CA VAL A 91 -0.16 3.38 7.71
C VAL A 91 -0.97 3.27 6.42
N PRO A 92 -0.85 4.27 5.53
CA PRO A 92 -1.62 4.29 4.28
C PRO A 92 -1.29 3.09 3.39
N GLN A 93 -2.26 2.55 2.67
CA GLN A 93 -1.93 1.55 1.67
C GLN A 93 -1.26 2.21 0.48
N LEU A 94 -0.16 1.63 0.03
CA LEU A 94 0.44 2.00 -1.25
C LEU A 94 -0.32 1.29 -2.39
N ILE A 95 -1.02 2.08 -3.18
CA ILE A 95 -1.88 1.55 -4.24
C ILE A 95 -1.15 1.46 -5.57
N ALA A 96 -0.51 2.55 -5.98
CA ALA A 96 0.27 2.54 -7.21
C ALA A 96 1.45 3.51 -7.08
N CYS A 97 2.42 3.33 -7.96
CA CYS A 97 3.61 4.13 -7.87
C CYS A 97 4.27 4.25 -9.24
N ASP A 98 4.31 5.47 -9.76
CA ASP A 98 5.10 5.76 -10.95
C ASP A 98 6.34 6.51 -10.56
N PRO A 99 7.47 5.79 -10.49
CA PRO A 99 8.74 6.33 -10.02
C PRO A 99 9.43 7.12 -11.11
N TYR A 100 8.98 6.95 -12.35
CA TYR A 100 9.62 7.60 -13.48
C TYR A 100 9.14 9.03 -13.66
N ASN A 101 7.95 9.31 -13.13
CA ASN A 101 7.37 10.66 -13.17
C ASN A 101 7.07 11.21 -11.78
N GLY A 102 7.21 10.36 -10.77
CA GLY A 102 7.04 10.80 -9.39
C GLY A 102 5.59 10.85 -8.96
N PHE A 103 4.86 9.77 -9.16
CA PHE A 103 3.48 9.71 -8.73
C PHE A 103 3.27 8.57 -7.75
N ILE A 104 2.56 8.82 -6.67
CA ILE A 104 2.12 7.73 -5.80
C ILE A 104 0.67 7.89 -5.39
N TRP A 105 -0.12 6.85 -5.62
CA TRP A 105 -1.50 6.87 -5.18
C TRP A 105 -1.58 6.13 -3.86
N LEU A 106 -1.92 6.86 -2.80
CA LEU A 106 -2.05 6.28 -1.48
C LEU A 106 -3.51 6.17 -1.12
N GLU A 107 -3.85 5.27 -0.21
CA GLU A 107 -5.23 5.19 0.23
C GLU A 107 -5.56 6.45 0.99
N PHE A 108 -6.86 6.74 1.08
CA PHE A 108 -7.30 7.92 1.79
C PHE A 108 -7.68 7.53 3.22
N LEU A 109 -7.06 8.18 4.18
CA LEU A 109 -7.37 7.94 5.58
C LEU A 109 -7.93 9.21 6.15
N GLY A 110 -8.83 9.07 7.12
CA GLY A 110 -9.36 10.22 7.83
C GLY A 110 -10.67 10.74 7.27
N GLU A 111 -11.45 11.35 8.15
CA GLU A 111 -12.74 11.90 7.78
C GLU A 111 -12.86 13.29 8.37
N ASP A 112 -14.08 13.82 8.41
CA ASP A 112 -14.28 15.13 8.99
C ASP A 112 -14.96 15.00 10.33
N LEU A 113 -14.37 15.65 11.32
CA LEU A 113 -14.97 15.73 12.64
C LEU A 113 -16.33 16.40 12.48
N PRO A 114 -17.33 15.88 13.21
CA PRO A 114 -18.68 16.45 13.20
C PRO A 114 -18.69 17.83 13.86
N GLY A 115 -19.55 18.71 13.38
CA GLY A 115 -19.65 20.05 13.96
C GLY A 115 -18.54 20.95 13.46
N GLY A 116 -18.02 20.63 12.28
CA GLY A 116 -17.06 21.47 11.60
C GLY A 116 -15.72 21.61 12.29
N HIS A 117 -15.40 20.66 13.15
CA HIS A 117 -14.15 20.71 13.91
C HIS A 117 -12.94 20.37 13.04
N GLY A 118 -13.21 20.01 11.79
CA GLY A 118 -12.17 19.89 10.79
C GLY A 118 -11.80 18.46 10.45
N PHE A 119 -10.77 18.34 9.63
CA PHE A 119 -10.24 17.02 9.26
C PHE A 119 -9.62 16.30 10.45
N SER A 120 -9.88 15.00 10.53
CA SER A 120 -9.62 14.19 11.72
C SER A 120 -8.16 13.80 12.01
N ASN A 121 -7.22 14.71 11.79
CA ASN A 121 -5.87 14.49 12.31
C ASN A 121 -5.85 14.80 13.82
N LEU A 122 -4.72 14.52 14.47
CA LEU A 122 -4.63 14.66 15.92
C LEU A 122 -4.76 16.13 16.38
N LYS A 123 -4.08 17.06 15.73
CA LYS A 123 -4.23 18.46 16.07
C LYS A 123 -5.72 18.77 16.24
N ASN A 124 -6.47 18.67 15.15
CA ASN A 124 -7.88 18.98 15.19
C ASN A 124 -8.65 18.23 16.28
N PHE A 125 -8.44 16.92 16.37
CA PHE A 125 -9.04 16.14 17.45
C PHE A 125 -8.73 16.79 18.81
N LEU A 126 -7.49 17.24 18.99
CA LEU A 126 -7.04 17.79 20.27
C LEU A 126 -7.69 19.14 20.54
N TRP A 127 -7.67 20.03 19.55
CA TRP A 127 -8.35 21.30 19.69
C TRP A 127 -9.80 21.03 20.03
N MET A 128 -10.45 20.18 19.25
CA MET A 128 -11.84 19.84 19.50
C MET A 128 -12.13 19.47 20.96
N HIS A 129 -11.38 18.54 21.52
CA HIS A 129 -11.68 18.09 22.88
C HIS A 129 -10.96 18.87 23.98
N ASP A 130 -10.45 20.06 23.64
CA ASP A 130 -9.51 20.77 24.51
C ASP A 130 -10.06 21.21 25.86
N GLN A 131 -11.34 21.56 25.90
CA GLN A 131 -11.98 22.03 27.13
C GLN A 131 -12.52 20.85 27.91
N ASP A 132 -12.52 19.68 27.29
CA ASP A 132 -13.05 18.50 27.92
C ASP A 132 -12.18 17.28 27.60
N PRO A 133 -11.02 17.22 28.25
CA PRO A 133 -9.97 16.24 27.89
C PRO A 133 -9.93 15.04 28.84
N TYR A 134 -10.83 15.00 29.82
CA TYR A 134 -10.74 13.97 30.85
C TYR A 134 -11.59 12.73 30.56
N SER A 135 -11.44 12.18 29.36
CA SER A 135 -12.26 11.05 28.92
C SER A 135 -11.38 9.91 28.42
N ASP A 136 -11.96 8.72 28.29
CA ASP A 136 -11.24 7.61 27.70
C ASP A 136 -10.89 7.99 26.28
N LEU A 137 -11.89 8.45 25.55
CA LEU A 137 -11.70 8.75 24.14
C LEU A 137 -10.36 9.43 23.86
N VAL A 138 -10.10 10.54 24.54
CA VAL A 138 -8.87 11.28 24.26
C VAL A 138 -7.61 10.57 24.77
N ALA A 139 -7.63 10.16 26.03
CA ALA A 139 -6.49 9.44 26.61
C ALA A 139 -6.19 8.09 25.90
N THR A 140 -7.20 7.26 25.70
CA THR A 140 -6.93 5.99 25.02
C THR A 140 -6.62 6.21 23.54
N THR A 141 -7.21 7.24 22.93
CA THR A 141 -6.87 7.57 21.55
C THR A 141 -5.41 8.01 21.51
N LEU A 142 -4.99 8.74 22.54
CA LEU A 142 -3.62 9.24 22.64
C LEU A 142 -2.57 8.18 22.99
N ARG A 143 -2.92 7.24 23.87
CA ARG A 143 -2.03 6.11 24.13
C ARG A 143 -1.82 5.31 22.85
N LYS A 144 -2.89 5.12 22.08
CA LYS A 144 -2.80 4.42 20.82
C LYS A 144 -1.75 5.07 19.93
N VAL A 145 -1.77 6.41 19.87
CA VAL A 145 -0.81 7.18 19.09
C VAL A 145 0.63 6.81 19.42
N GLY A 146 0.90 6.71 20.72
CA GLY A 146 2.21 6.33 21.21
C GLY A 146 2.56 4.88 20.91
N ARG A 147 1.53 4.04 20.85
CA ARG A 147 1.69 2.65 20.48
C ARG A 147 2.27 2.57 19.08
N GLN A 148 1.77 3.43 18.20
CA GLN A 148 2.24 3.50 16.83
C GLN A 148 3.70 3.92 16.74
N ILE A 149 4.10 4.88 17.56
CA ILE A 149 5.47 5.38 17.55
C ILE A 149 6.41 4.37 18.20
N GLY A 150 6.00 3.86 19.36
CA GLY A 150 6.70 2.74 19.96
C GLY A 150 6.96 1.69 18.91
N LEU A 151 5.90 1.26 18.24
CA LEU A 151 6.03 0.29 17.16
C LEU A 151 7.07 0.74 16.16
N LEU A 152 6.89 1.94 15.62
CA LEU A 152 7.76 2.47 14.57
C LEU A 152 9.22 2.38 14.98
N HIS A 153 9.51 2.77 16.23
CA HIS A 153 10.88 2.85 16.71
C HIS A 153 11.47 1.51 17.10
N TRP A 154 10.65 0.65 17.70
CA TRP A 154 11.12 -0.67 18.02
C TRP A 154 11.67 -1.37 16.79
N ASN A 155 11.13 -1.03 15.63
CA ASN A 155 11.58 -1.67 14.40
C ASN A 155 12.66 -0.86 13.70
N ASP A 156 13.20 0.10 14.43
CA ASP A 156 14.34 0.88 13.98
C ASP A 156 14.00 1.66 12.72
N TYR A 157 12.80 2.21 12.73
CA TYR A 157 12.34 3.09 11.67
C TYR A 157 12.12 4.48 12.23
N CYS A 158 12.14 5.48 11.35
CA CYS A 158 11.91 6.88 11.76
C CYS A 158 10.99 7.66 10.81
N HIS A 159 10.10 8.48 11.39
CA HIS A 159 9.25 9.38 10.61
C HIS A 159 10.00 10.62 10.13
N GLY A 160 10.57 11.35 11.08
CA GLY A 160 11.39 12.51 10.78
C GLY A 160 10.58 13.70 10.33
N ASP A 161 9.45 13.92 11.01
CA ASP A 161 8.50 14.98 10.69
C ASP A 161 7.21 14.67 11.43
N LEU A 162 7.37 14.19 12.65
CA LEU A 162 6.24 13.70 13.42
C LEU A 162 5.39 14.83 13.98
N THR A 163 4.77 15.61 13.10
CA THR A 163 3.87 16.66 13.57
C THR A 163 2.47 16.10 13.86
N SER A 164 1.68 16.86 14.61
CA SER A 164 0.33 16.45 15.00
C SER A 164 -0.58 16.46 13.80
N SER A 165 -0.10 17.04 12.70
CA SER A 165 -0.82 17.08 11.44
C SER A 165 -0.52 15.86 10.59
N ASN A 166 0.55 15.15 10.95
CA ASN A 166 0.93 13.92 10.25
C ASN A 166 0.52 12.63 10.97
N ILE A 167 -0.53 12.75 11.77
CA ILE A 167 -1.20 11.62 12.40
C ILE A 167 -2.71 11.75 12.19
N VAL A 168 -3.24 11.02 11.22
CA VAL A 168 -4.68 11.04 10.93
C VAL A 168 -5.43 9.89 11.61
N LEU A 169 -6.65 10.17 12.08
CA LEU A 169 -7.44 9.21 12.83
C LEU A 169 -8.49 8.59 11.93
N VAL A 170 -8.54 7.25 11.91
CA VAL A 170 -9.58 6.53 11.19
C VAL A 170 -10.65 6.05 12.16
N ARG A 171 -11.91 6.18 11.75
CA ARG A 171 -13.03 5.72 12.58
C ARG A 171 -13.11 4.19 12.67
N ASP A 172 -13.11 3.65 13.89
CA ASP A 172 -13.43 2.23 14.10
C ASP A 172 -14.59 2.10 15.08
N GLY A 173 -15.80 2.06 14.54
CA GLY A 173 -17.00 2.11 15.35
C GLY A 173 -17.09 3.47 16.04
N ALA A 174 -16.80 3.47 17.35
CA ALA A 174 -16.83 4.69 18.16
C ALA A 174 -15.46 4.95 18.79
N ARG A 175 -14.53 4.03 18.58
CA ARG A 175 -13.13 4.25 18.96
C ARG A 175 -12.49 5.05 17.83
N TRP A 176 -11.26 5.49 18.02
CA TRP A 176 -10.49 6.02 16.91
C TRP A 176 -9.24 5.16 16.74
N THR A 177 -8.76 5.04 15.51
CA THR A 177 -7.55 4.29 15.24
C THR A 177 -6.52 5.17 14.54
N PRO A 178 -5.36 5.41 15.21
CA PRO A 178 -4.28 6.26 14.69
C PRO A 178 -3.47 5.60 13.57
N HIS A 179 -3.08 6.42 12.59
CA HIS A 179 -2.22 6.01 11.48
C HIS A 179 -1.21 7.12 11.29
N LEU A 180 -0.09 6.80 10.65
CA LEU A 180 0.96 7.80 10.42
C LEU A 180 1.11 8.06 8.94
N ILE A 181 1.54 9.27 8.57
CA ILE A 181 1.52 9.67 7.16
C ILE A 181 2.70 10.57 6.74
N ASP A 182 2.78 10.88 5.43
CA ASP A 182 3.97 11.47 4.76
C ASP A 182 5.27 11.01 5.37
N PHE A 183 5.75 9.89 4.87
CA PHE A 183 7.04 9.36 5.24
C PHE A 183 8.07 9.78 4.21
N GLY A 184 7.86 10.96 3.63
CA GLY A 184 8.79 11.54 2.67
C GLY A 184 10.16 11.76 3.29
N LEU A 185 10.17 12.43 4.44
CA LEU A 185 11.42 12.68 5.18
C LEU A 185 11.72 11.58 6.21
N GLY A 186 11.25 10.37 5.93
CA GLY A 186 11.44 9.26 6.85
C GLY A 186 12.63 8.39 6.52
N SER A 187 13.08 7.63 7.50
CA SER A 187 14.26 6.78 7.33
C SER A 187 14.24 5.55 8.24
N VAL A 188 15.21 4.68 8.04
CA VAL A 188 15.43 3.56 8.96
C VAL A 188 16.69 3.81 9.81
N SER A 189 16.53 3.77 11.14
CA SER A 189 17.58 4.15 12.05
C SER A 189 17.46 3.48 13.41
N ASN A 190 18.60 3.09 13.97
CA ASN A 190 18.67 2.61 15.34
C ASN A 190 19.36 3.64 16.25
N LEU A 191 19.82 4.74 15.65
CA LEU A 191 20.36 5.84 16.44
C LEU A 191 19.32 6.39 17.42
N VAL A 192 19.55 6.15 18.71
CA VAL A 192 18.67 6.57 19.79
C VAL A 192 18.37 8.07 19.75
N GLU A 193 19.30 8.87 19.24
CA GLU A 193 19.09 10.32 19.12
C GLU A 193 17.91 10.62 18.18
N ASP A 194 17.86 9.90 17.05
CA ASP A 194 16.76 10.02 16.08
C ASP A 194 15.38 9.77 16.68
N LYS A 195 15.28 8.77 17.55
CA LYS A 195 14.03 8.47 18.26
C LYS A 195 13.65 9.59 19.22
N GLY A 196 14.65 10.19 19.85
CA GLY A 196 14.45 11.32 20.74
C GLY A 196 14.00 12.55 19.96
N VAL A 197 14.58 12.78 18.79
CA VAL A 197 14.18 13.92 18.00
C VAL A 197 12.70 13.80 17.60
N ASP A 198 12.31 12.68 17.00
CA ASP A 198 10.91 12.41 16.62
C ASP A 198 9.90 12.66 17.74
N LEU A 199 10.15 12.05 18.90
CA LEU A 199 9.37 12.34 20.09
C LEU A 199 9.33 13.84 20.36
N TYR A 200 10.51 14.48 20.32
CA TYR A 200 10.59 15.90 20.61
C TYR A 200 9.74 16.73 19.62
N VAL A 201 9.90 16.47 18.33
CA VAL A 201 9.07 17.12 17.31
C VAL A 201 7.59 17.04 17.68
N LEU A 202 7.15 15.85 18.11
CA LEU A 202 5.75 15.65 18.45
C LEU A 202 5.37 16.45 19.68
N GLU A 203 6.01 16.14 20.80
CA GLU A 203 5.73 16.84 22.04
C GLU A 203 5.81 18.36 21.83
N ARG A 204 6.73 18.79 20.97
CA ARG A 204 6.87 20.21 20.65
C ARG A 204 5.63 20.75 19.92
N ALA A 205 5.19 20.00 18.91
CA ALA A 205 4.01 20.38 18.15
C ALA A 205 2.77 20.48 19.04
N ILE A 206 2.62 19.57 20.01
CA ILE A 206 1.48 19.62 20.91
C ILE A 206 1.58 20.83 21.81
N LEU A 207 2.81 21.17 22.20
CA LEU A 207 3.06 22.34 23.02
C LEU A 207 2.91 23.63 22.22
N SER A 208 3.10 23.53 20.91
CA SER A 208 2.87 24.67 20.01
C SER A 208 1.49 25.32 20.20
N THR A 209 0.43 24.51 20.28
CA THR A 209 -0.92 25.02 20.51
C THR A 209 -1.01 25.86 21.77
N HIS A 210 -0.31 25.42 22.82
CA HIS A 210 -0.19 26.18 24.06
C HIS A 210 -1.32 25.91 25.05
N SER A 211 -2.13 24.92 24.72
CA SER A 211 -3.16 24.39 25.62
C SER A 211 -2.68 24.20 27.07
N LYS A 212 -3.63 24.20 28.00
CA LYS A 212 -3.30 23.95 29.39
C LYS A 212 -3.07 22.46 29.51
N HIS A 213 -3.83 21.72 28.71
CA HIS A 213 -3.83 20.26 28.79
C HIS A 213 -2.76 19.61 27.91
N ALA A 214 -1.90 20.44 27.30
CA ALA A 214 -0.86 19.91 26.43
C ALA A 214 0.05 18.93 27.14
N GLU A 215 0.42 19.23 28.39
CA GLU A 215 1.33 18.38 29.15
C GLU A 215 0.78 16.95 29.27
N LYS A 216 -0.50 16.82 29.65
CA LYS A 216 -1.14 15.51 29.76
C LYS A 216 -1.08 14.68 28.47
N TYR A 217 -1.54 15.28 27.37
CA TYR A 217 -1.47 14.59 26.09
C TYR A 217 -0.12 13.86 25.98
N ASN A 218 0.97 14.62 26.02
CA ASN A 218 2.29 14.03 25.88
C ASN A 218 2.61 12.92 26.89
N ALA A 219 2.10 13.07 28.11
CA ALA A 219 2.27 12.03 29.12
C ALA A 219 1.59 10.76 28.63
N TRP A 220 0.40 10.95 28.07
CA TRP A 220 -0.44 9.85 27.62
C TRP A 220 0.09 9.17 26.39
N ILE A 221 0.63 9.97 25.47
CA ILE A 221 1.28 9.42 24.30
C ILE A 221 2.48 8.62 24.78
N MET A 222 3.18 9.16 25.76
CA MET A 222 4.32 8.47 26.34
C MET A 222 3.93 7.15 26.97
N GLU A 223 2.86 7.15 27.77
CA GLU A 223 2.36 5.93 28.38
C GLU A 223 2.27 4.85 27.30
N GLY A 224 1.55 5.14 26.21
CA GLY A 224 1.37 4.18 25.14
C GLY A 224 2.68 3.74 24.49
N PHE A 225 3.65 4.63 24.44
CA PHE A 225 5.00 4.32 23.95
C PHE A 225 5.65 3.31 24.91
N GLU A 226 5.73 3.70 26.20
CA GLU A 226 6.27 2.83 27.23
C GLU A 226 5.53 1.49 27.22
N GLU A 227 4.20 1.54 27.20
CA GLU A 227 3.39 0.32 27.20
C GLU A 227 3.92 -0.68 26.18
N VAL A 228 4.31 -0.18 25.02
CA VAL A 228 4.76 -1.00 23.90
C VAL A 228 6.10 -1.64 24.18
N TYR A 229 7.07 -0.85 24.66
CA TYR A 229 8.40 -1.35 25.00
C TYR A 229 8.30 -2.27 26.22
N ARG A 230 7.58 -1.81 27.24
CA ARG A 230 7.38 -2.60 28.46
C ARG A 230 6.76 -3.96 28.15
N GLU A 231 6.35 -4.14 26.89
CA GLU A 231 5.83 -5.43 26.42
C GLU A 231 6.93 -6.36 25.91
N GLN A 232 7.89 -5.82 25.17
CA GLN A 232 8.95 -6.62 24.57
C GLN A 232 9.97 -7.14 25.60
N GLY A 233 9.60 -7.10 26.89
CA GLY A 233 10.39 -7.72 27.94
C GLY A 233 11.63 -6.97 28.45
N ALA A 234 12.55 -7.72 29.05
CA ALA A 234 13.81 -7.18 29.58
C ALA A 234 14.62 -6.46 28.52
N LYS A 235 14.62 -7.02 27.30
CA LYS A 235 15.20 -6.31 26.17
C LYS A 235 14.52 -4.94 26.10
N GLY A 236 13.19 -4.98 25.91
CA GLY A 236 12.34 -3.80 25.85
C GLY A 236 12.67 -2.75 26.91
N ALA A 237 12.63 -3.14 28.18
CA ALA A 237 12.89 -2.22 29.28
C ALA A 237 14.22 -1.49 29.13
N LYS A 238 15.27 -2.23 28.74
CA LYS A 238 16.59 -1.63 28.57
C LYS A 238 16.59 -0.64 27.39
N LYS A 239 16.29 -1.16 26.20
CA LYS A 239 16.22 -0.31 25.01
C LYS A 239 15.30 0.88 25.30
N LEU A 240 14.19 0.62 26.00
CA LEU A 240 13.25 1.66 26.41
C LEU A 240 13.96 2.66 27.29
N LYS A 241 14.63 2.17 28.34
CA LYS A 241 15.37 3.04 29.27
C LYS A 241 16.33 3.97 28.52
N GLU A 242 16.98 3.45 27.48
CA GLU A 242 17.95 4.22 26.70
C GLU A 242 17.28 5.36 25.94
N VAL A 243 16.27 5.03 25.14
CA VAL A 243 15.47 6.05 24.45
C VAL A 243 14.83 7.05 25.42
N THR A 244 14.34 6.58 26.58
CA THR A 244 13.77 7.46 27.60
C THR A 244 14.77 8.54 28.02
N LYS A 245 15.98 8.11 28.40
CA LYS A 245 17.03 9.02 28.85
C LYS A 245 17.46 9.99 27.75
N ARG A 246 17.66 9.45 26.55
CA ARG A 246 18.02 10.29 25.41
C ARG A 246 16.99 11.41 25.19
N PHE A 247 15.72 11.02 25.14
CA PHE A 247 14.61 11.95 24.96
C PHE A 247 14.61 13.04 26.02
N GLU A 248 14.72 12.65 27.28
CA GLU A 248 14.85 13.59 28.37
C GLU A 248 16.00 14.56 28.07
N GLU A 249 17.15 14.01 27.70
CA GLU A 249 18.32 14.81 27.31
C GLU A 249 17.99 15.79 26.19
N VAL A 250 17.39 15.28 25.11
CA VAL A 250 17.03 16.12 23.95
C VAL A 250 16.06 17.20 24.35
N ARG A 251 15.06 16.84 25.16
CA ARG A 251 14.12 17.83 25.69
C ARG A 251 14.90 18.87 26.47
N LEU A 252 15.97 18.43 27.12
CA LEU A 252 16.84 19.31 27.90
C LEU A 252 17.70 20.22 27.02
N ARG A 253 18.12 19.72 25.86
CA ARG A 253 18.87 20.52 24.88
C ARG A 253 17.96 21.39 24.04
N MET B 1 -15.41 -13.82 -18.69
CA MET B 1 -14.33 -13.10 -19.34
C MET B 1 -14.48 -11.58 -19.23
N VAL B 2 -13.41 -10.90 -18.83
CA VAL B 2 -13.44 -9.45 -18.67
C VAL B 2 -12.52 -8.74 -19.63
N VAL B 3 -13.09 -7.78 -20.35
CA VAL B 3 -12.29 -6.75 -21.02
C VAL B 3 -12.27 -5.51 -20.14
N SER B 4 -11.09 -4.91 -20.01
CA SER B 4 -10.94 -3.73 -19.15
C SER B 4 -9.87 -2.77 -19.67
N ILE B 5 -9.97 -1.51 -19.25
CA ILE B 5 -8.92 -0.55 -19.52
C ILE B 5 -8.38 0.00 -18.21
N ILE B 6 -7.17 0.51 -18.28
CA ILE B 6 -6.61 1.22 -17.15
C ILE B 6 -6.85 2.70 -17.38
N PRO B 7 -7.40 3.37 -16.36
CA PRO B 7 -7.83 4.77 -16.47
C PRO B 7 -6.83 5.61 -17.26
N GLN B 8 -5.60 5.65 -16.77
CA GLN B 8 -4.54 6.43 -17.39
C GLN B 8 -4.24 6.02 -18.82
N PHE B 9 -4.73 4.85 -19.23
CA PHE B 9 -4.46 4.31 -20.56
C PHE B 9 -5.74 3.76 -21.19
N PRO B 10 -6.52 4.64 -21.81
CA PRO B 10 -7.82 4.33 -22.41
C PRO B 10 -7.64 3.71 -23.79
N ASP B 11 -6.45 3.91 -24.37
CA ASP B 11 -6.11 3.42 -25.69
C ASP B 11 -5.86 1.91 -25.69
N ILE B 12 -5.72 1.36 -24.49
CA ILE B 12 -5.37 -0.04 -24.33
C ILE B 12 -6.41 -0.79 -23.52
N LYS B 13 -7.11 -1.70 -24.19
CA LYS B 13 -8.05 -2.59 -23.52
C LYS B 13 -7.28 -3.86 -23.24
N VAL B 14 -7.68 -4.60 -22.20
CA VAL B 14 -7.04 -5.88 -21.89
C VAL B 14 -8.07 -6.95 -21.51
N SER B 15 -7.87 -8.16 -22.01
CA SER B 15 -8.82 -9.23 -21.78
C SER B 15 -8.30 -10.35 -20.88
N LEU B 16 -8.99 -10.58 -19.77
CA LEU B 16 -8.68 -11.67 -18.87
C LEU B 16 -9.80 -12.70 -18.87
N ALA B 17 -9.44 -13.98 -18.92
CA ALA B 17 -10.40 -15.07 -18.65
C ALA B 17 -9.78 -16.16 -17.78
N LEU B 18 -10.61 -16.70 -16.88
CA LEU B 18 -10.18 -17.74 -15.94
C LEU B 18 -10.71 -19.14 -16.36
N PHE B 19 -9.83 -20.14 -16.33
CA PHE B 19 -10.21 -21.51 -16.70
C PHE B 19 -9.98 -22.55 -15.59
N GLU B 20 -10.99 -23.40 -15.36
CA GLU B 20 -10.89 -24.59 -14.51
C GLU B 20 -10.54 -25.83 -15.35
N GLN B 21 -10.29 -26.95 -14.67
CA GLN B 21 -10.16 -28.28 -15.29
C GLN B 21 -9.41 -28.32 -16.62
N VAL B 22 -8.27 -27.65 -16.68
CA VAL B 22 -7.48 -27.60 -17.90
C VAL B 22 -6.74 -28.91 -18.06
N LYS B 23 -6.98 -29.58 -19.18
CA LYS B 23 -6.41 -30.90 -19.41
C LYS B 23 -5.21 -30.89 -20.36
N ASN B 24 -4.94 -29.75 -20.98
CA ASN B 24 -3.84 -29.65 -21.96
C ASN B 24 -2.85 -28.52 -21.69
N ALA B 25 -2.44 -28.38 -20.44
CA ALA B 25 -1.42 -27.40 -20.11
C ALA B 25 -0.19 -27.62 -20.98
N LYS B 26 0.45 -28.79 -20.82
CA LYS B 26 1.68 -29.11 -21.55
C LYS B 26 1.51 -28.95 -23.07
N GLU B 27 0.38 -29.41 -23.59
CA GLU B 27 0.08 -29.19 -24.99
C GLU B 27 0.27 -27.71 -25.31
N ILE B 28 -0.37 -26.85 -24.53
CA ILE B 28 -0.22 -25.41 -24.72
C ILE B 28 1.22 -24.96 -24.55
N ARG B 29 1.71 -25.06 -23.32
CA ARG B 29 3.07 -24.61 -22.99
C ARG B 29 4.06 -25.00 -24.07
N SER B 30 4.15 -26.28 -24.38
CA SER B 30 5.09 -26.77 -25.37
C SER B 30 4.90 -26.08 -26.72
N LYS B 31 3.66 -26.05 -27.20
CA LYS B 31 3.40 -25.56 -28.56
C LYS B 31 2.93 -24.10 -28.64
N MET B 32 3.52 -23.24 -27.81
CA MET B 32 3.23 -21.81 -27.89
C MET B 32 3.88 -21.18 -29.12
N SER B 38 -1.49 -14.56 -29.85
CA SER B 38 -0.55 -14.06 -28.86
C SER B 38 -1.17 -13.82 -27.49
N PHE B 39 -1.00 -14.75 -26.58
CA PHE B 39 -1.53 -14.61 -25.22
C PHE B 39 -0.44 -14.74 -24.19
N ALA B 40 -0.83 -14.54 -22.94
CA ALA B 40 -0.01 -14.92 -21.81
C ALA B 40 -0.84 -15.87 -20.96
N PHE B 41 -0.26 -17.00 -20.58
CA PHE B 41 -0.98 -17.98 -19.79
C PHE B 41 -0.42 -18.01 -18.38
N ILE B 42 -1.13 -17.35 -17.47
CA ILE B 42 -0.65 -17.11 -16.12
C ILE B 42 -1.14 -18.14 -15.13
N ASP B 43 -0.23 -18.65 -14.31
CA ASP B 43 -0.57 -19.63 -13.28
C ASP B 43 -1.27 -18.99 -12.07
N PRO B 44 -2.58 -19.26 -11.92
CA PRO B 44 -3.42 -18.66 -10.89
C PRO B 44 -3.11 -19.14 -9.48
N ARG B 45 -2.05 -19.93 -9.30
CA ARG B 45 -1.66 -20.33 -7.96
C ARG B 45 -0.96 -19.16 -7.30
N LEU B 46 -0.43 -18.27 -8.13
CA LEU B 46 0.33 -17.11 -7.67
C LEU B 46 -0.46 -15.79 -7.75
N VAL B 47 -1.67 -15.83 -8.30
CA VAL B 47 -2.57 -14.68 -8.26
C VAL B 47 -3.71 -14.99 -7.31
N CYS B 48 -4.05 -14.03 -6.45
CA CYS B 48 -5.08 -14.28 -5.46
C CYS B 48 -6.22 -13.27 -5.58
N SER B 49 -5.99 -12.16 -6.27
CA SER B 49 -6.99 -11.11 -6.34
C SER B 49 -6.90 -10.38 -7.67
N GLY B 50 -7.92 -9.57 -7.95
CA GLY B 50 -7.94 -8.72 -9.13
C GLY B 50 -7.07 -7.51 -8.88
N GLU B 51 -7.05 -7.06 -7.63
CA GLU B 51 -6.22 -5.94 -7.21
C GLU B 51 -4.78 -6.30 -7.56
N GLN B 52 -4.41 -7.56 -7.35
CA GLN B 52 -3.07 -7.98 -7.70
C GLN B 52 -2.88 -7.93 -9.20
N MET B 53 -3.70 -8.68 -9.93
CA MET B 53 -3.52 -8.80 -11.36
C MET B 53 -3.47 -7.42 -12.01
N TYR B 54 -4.37 -6.56 -11.58
CA TYR B 54 -4.61 -5.30 -12.26
C TYR B 54 -3.53 -4.28 -11.99
N SER B 55 -2.95 -4.34 -10.79
CA SER B 55 -1.84 -3.46 -10.44
C SER B 55 -0.66 -3.83 -11.29
N ALA B 56 -0.46 -5.12 -11.51
CA ALA B 56 0.66 -5.58 -12.31
C ALA B 56 0.50 -5.16 -13.78
N ILE B 57 -0.74 -5.02 -14.25
CA ILE B 57 -1.00 -4.53 -15.60
C ILE B 57 -0.60 -3.06 -15.71
N TYR B 58 -1.14 -2.25 -14.81
CA TYR B 58 -0.72 -0.87 -14.62
C TYR B 58 0.79 -0.78 -14.75
N LYS B 59 1.49 -1.37 -13.79
CA LYS B 59 2.95 -1.34 -13.79
C LYS B 59 3.55 -1.65 -15.16
N THR B 60 2.95 -2.61 -15.84
CA THR B 60 3.38 -3.02 -17.17
C THR B 60 3.37 -1.84 -18.11
N LEU B 61 2.21 -1.19 -18.19
CA LEU B 61 2.02 -0.03 -19.06
C LEU B 61 2.95 1.15 -18.73
N ILE B 62 2.92 1.57 -17.47
CA ILE B 62 3.85 2.58 -16.95
C ILE B 62 5.26 2.30 -17.39
N GLU B 63 5.64 1.02 -17.32
CA GLU B 63 6.96 0.60 -17.69
C GLU B 63 7.22 0.82 -19.17
N VAL B 64 6.29 0.40 -20.00
CA VAL B 64 6.51 0.57 -21.44
C VAL B 64 6.35 2.01 -21.89
N LYS B 65 5.47 2.74 -21.22
CA LYS B 65 5.24 4.14 -21.56
C LYS B 65 6.40 5.01 -21.12
N TYR B 66 6.82 4.87 -19.87
CA TYR B 66 7.73 5.85 -19.26
C TYR B 66 9.16 5.40 -19.00
N ASN B 67 9.39 4.10 -18.93
CA ASN B 67 10.73 3.57 -18.71
C ASN B 67 11.22 2.79 -19.91
N LYS B 68 11.30 1.47 -19.76
CA LYS B 68 11.82 0.61 -20.82
C LYS B 68 11.05 -0.70 -20.89
N MET B 69 10.96 -1.24 -22.11
CA MET B 69 10.35 -2.55 -22.32
C MET B 69 11.44 -3.60 -22.47
N ARG B 70 11.30 -4.70 -21.74
CA ARG B 70 12.29 -5.75 -21.66
C ARG B 70 11.99 -6.90 -22.61
N THR B 71 10.74 -7.36 -22.54
CA THR B 71 10.27 -8.55 -23.26
C THR B 71 9.75 -8.23 -24.65
N ARG B 72 9.25 -9.26 -25.34
CA ARG B 72 8.87 -9.14 -26.74
C ARG B 72 7.57 -8.37 -26.90
N ASN B 73 6.66 -8.54 -25.94
CA ASN B 73 5.38 -7.84 -26.01
C ASN B 73 4.78 -7.53 -24.64
N LEU B 74 3.61 -6.90 -24.62
CA LEU B 74 3.04 -6.44 -23.36
C LEU B 74 2.50 -7.59 -22.55
N ASN B 75 2.19 -8.67 -23.25
CA ASN B 75 1.69 -9.88 -22.61
C ASN B 75 2.77 -10.46 -21.73
N SER B 76 3.97 -10.57 -22.29
CA SER B 76 5.14 -11.07 -21.57
C SER B 76 5.51 -10.16 -20.40
N GLU B 77 5.54 -8.87 -20.74
CA GLU B 77 5.92 -7.82 -19.82
C GLU B 77 5.03 -7.78 -18.58
N CYS B 78 3.76 -8.10 -18.74
CA CYS B 78 2.87 -8.16 -17.59
C CYS B 78 3.19 -9.39 -16.74
N VAL B 79 3.58 -10.48 -17.39
CA VAL B 79 4.02 -11.66 -16.66
C VAL B 79 5.25 -11.26 -15.84
N LEU B 80 6.16 -10.55 -16.50
CA LEU B 80 7.32 -10.00 -15.83
C LEU B 80 6.93 -9.05 -14.69
N CYS B 81 5.97 -8.17 -14.96
CA CYS B 81 5.62 -7.16 -13.99
C CYS B 81 4.84 -7.75 -12.83
N LEU B 82 4.17 -8.87 -13.10
CA LEU B 82 3.41 -9.55 -12.06
C LEU B 82 4.35 -10.08 -10.98
N SER B 83 5.55 -10.46 -11.39
CA SER B 83 6.52 -11.05 -10.47
C SER B 83 7.20 -9.99 -9.65
N PRO B 84 7.80 -10.40 -8.52
CA PRO B 84 8.64 -9.51 -7.73
C PRO B 84 10.12 -9.66 -8.08
N THR B 85 10.43 -9.90 -9.36
CA THR B 85 11.82 -10.04 -9.77
C THR B 85 12.09 -9.33 -11.11
N SER B 86 13.35 -8.95 -11.33
CA SER B 86 13.75 -8.32 -12.56
C SER B 86 14.16 -9.35 -13.60
N ASN B 87 14.44 -10.57 -13.14
CA ASN B 87 14.81 -11.63 -14.08
C ASN B 87 13.58 -12.17 -14.79
N ILE B 88 13.62 -12.08 -16.12
CA ILE B 88 12.52 -12.47 -16.98
C ILE B 88 12.22 -13.96 -16.92
N SER B 89 13.21 -14.77 -17.29
CA SER B 89 13.06 -16.21 -17.34
C SER B 89 12.46 -16.76 -16.05
N ASP B 90 12.79 -16.14 -14.93
CA ASP B 90 12.28 -16.64 -13.66
C ASP B 90 10.80 -16.30 -13.47
N ALA B 91 10.42 -15.12 -13.95
CA ALA B 91 9.03 -14.66 -13.82
C ALA B 91 8.15 -15.51 -14.71
N PHE B 92 8.61 -15.72 -15.93
CA PHE B 92 7.90 -16.56 -16.86
C PHE B 92 7.66 -17.89 -16.22
N LEU B 93 8.75 -18.46 -15.71
CA LEU B 93 8.70 -19.79 -15.13
C LEU B 93 7.78 -19.92 -13.91
N LYS B 94 7.86 -18.99 -12.98
CA LYS B 94 7.06 -19.10 -11.76
C LYS B 94 5.63 -18.56 -11.91
N PHE B 95 5.42 -17.65 -12.85
CA PHE B 95 4.11 -17.04 -13.02
C PHE B 95 3.41 -17.55 -14.26
N GLY B 96 4.14 -18.21 -15.15
CA GLY B 96 3.53 -18.84 -16.30
C GLY B 96 2.94 -20.19 -15.93
N ILE B 97 2.14 -20.76 -16.84
CA ILE B 97 1.58 -22.07 -16.59
C ILE B 97 2.68 -23.11 -16.43
N LYS B 98 2.35 -24.19 -15.73
CA LYS B 98 3.23 -25.33 -15.62
C LYS B 98 2.68 -26.44 -16.49
N ASP B 99 3.29 -27.60 -16.43
CA ASP B 99 2.74 -28.77 -17.11
C ASP B 99 1.70 -29.42 -16.22
N ASP B 100 1.68 -29.05 -14.94
CA ASP B 100 0.68 -29.56 -14.01
C ASP B 100 -0.47 -28.56 -13.80
N SER B 101 -0.55 -27.55 -14.67
CA SER B 101 -1.55 -26.50 -14.52
C SER B 101 -2.99 -26.94 -14.80
N SER B 102 -3.78 -27.04 -13.73
CA SER B 102 -5.21 -27.37 -13.85
C SER B 102 -6.06 -26.15 -14.13
N GLN B 103 -5.64 -25.00 -13.61
CA GLN B 103 -6.24 -23.72 -13.92
C GLN B 103 -5.24 -22.83 -14.62
N LEU B 104 -5.74 -21.85 -15.36
CA LEU B 104 -4.89 -20.77 -15.86
C LEU B 104 -5.65 -19.46 -16.03
N ILE B 105 -4.91 -18.37 -16.09
CA ILE B 105 -5.50 -17.09 -16.43
C ILE B 105 -5.08 -16.80 -17.86
N CYS B 106 -6.05 -16.55 -18.73
CA CYS B 106 -5.70 -16.20 -20.08
C CYS B 106 -5.76 -14.68 -20.27
N LEU B 107 -4.67 -14.12 -20.79
CA LEU B 107 -4.54 -12.67 -20.83
C LEU B 107 -4.02 -12.18 -22.17
N LYS B 108 -4.57 -11.06 -22.63
CA LYS B 108 -3.93 -10.32 -23.73
C LYS B 108 -4.38 -8.86 -23.86
N PHE B 109 -3.58 -8.09 -24.61
CA PHE B 109 -3.66 -6.62 -24.58
C PHE B 109 -4.40 -5.95 -25.75
N HIS B 110 -4.09 -6.34 -26.99
CA HIS B 110 -4.70 -5.66 -28.13
C HIS B 110 -4.28 -4.19 -28.24
N VAL B 116 -11.85 -5.36 -30.66
CA VAL B 116 -13.06 -5.07 -29.90
C VAL B 116 -13.98 -6.29 -29.87
N ASP B 117 -13.51 -7.40 -30.46
CA ASP B 117 -14.36 -8.54 -30.80
C ASP B 117 -14.48 -9.63 -29.73
N LYS B 118 -15.25 -9.38 -28.67
CA LYS B 118 -15.42 -10.35 -27.59
C LYS B 118 -15.72 -11.77 -28.11
N GLU B 119 -16.53 -11.86 -29.16
CA GLU B 119 -16.96 -13.15 -29.69
C GLU B 119 -15.81 -14.02 -30.20
N GLN B 120 -14.93 -13.43 -31.00
CA GLN B 120 -13.82 -14.17 -31.61
C GLN B 120 -12.80 -14.61 -30.55
N LEU B 121 -12.60 -13.75 -29.56
CA LEU B 121 -11.70 -14.08 -28.47
C LEU B 121 -12.17 -15.32 -27.74
N ARG B 122 -13.34 -15.21 -27.13
CA ARG B 122 -13.93 -16.29 -26.34
C ARG B 122 -13.78 -17.65 -27.02
N THR B 123 -13.71 -17.65 -28.35
CA THR B 123 -13.57 -18.91 -29.09
C THR B 123 -12.15 -19.15 -29.64
N ILE B 124 -11.32 -18.12 -29.65
CA ILE B 124 -9.90 -18.33 -29.93
C ILE B 124 -9.28 -19.00 -28.71
N MET B 125 -9.73 -18.60 -27.53
CA MET B 125 -9.21 -19.13 -26.27
C MET B 125 -9.62 -20.57 -26.07
N THR B 126 -10.92 -20.84 -26.14
CA THR B 126 -11.43 -22.19 -25.87
C THR B 126 -10.90 -23.18 -26.90
N SER B 127 -10.38 -22.63 -28.01
CA SER B 127 -9.71 -23.41 -29.03
C SER B 127 -8.36 -23.89 -28.51
N ILE B 128 -7.74 -23.06 -27.66
CA ILE B 128 -6.40 -23.31 -27.12
C ILE B 128 -6.48 -24.13 -25.83
N VAL B 129 -7.47 -23.80 -25.02
CA VAL B 129 -7.57 -24.33 -23.68
C VAL B 129 -8.67 -25.39 -23.53
N LYS B 130 -8.27 -26.65 -23.53
CA LYS B 130 -9.19 -27.73 -23.22
C LYS B 130 -9.46 -27.66 -21.73
N GLY B 131 -10.30 -26.72 -21.33
CA GLY B 131 -10.67 -26.55 -19.95
C GLY B 131 -11.98 -25.79 -19.88
N GLN B 132 -12.47 -25.53 -18.68
CA GLN B 132 -13.79 -24.93 -18.49
C GLN B 132 -13.72 -23.45 -18.05
N GLU B 133 -14.14 -22.53 -18.90
CA GLU B 133 -14.10 -21.11 -18.52
C GLU B 133 -15.08 -20.75 -17.42
N ILE B 134 -14.68 -19.81 -16.57
CA ILE B 134 -15.48 -19.38 -15.42
C ILE B 134 -15.17 -17.90 -15.23
N GLU B 135 -16.00 -17.19 -14.48
CA GLU B 135 -15.89 -15.73 -14.41
C GLU B 135 -14.55 -15.29 -13.84
N PHE B 136 -13.87 -14.38 -14.53
CA PHE B 136 -12.71 -13.73 -13.91
C PHE B 136 -13.14 -12.76 -12.82
N ASN B 137 -13.27 -13.26 -11.61
CA ASN B 137 -13.57 -12.40 -10.49
C ASN B 137 -12.95 -12.94 -9.21
N ASP B 138 -13.02 -12.15 -8.14
CA ASP B 138 -12.29 -12.48 -6.94
C ASP B 138 -12.70 -13.80 -6.30
N ASP B 139 -14.01 -14.05 -6.23
CA ASP B 139 -14.51 -15.29 -5.68
C ASP B 139 -13.85 -16.46 -6.37
N ASN B 140 -13.73 -16.40 -7.69
CA ASN B 140 -13.10 -17.49 -8.40
C ASN B 140 -11.57 -17.53 -8.21
N LEU B 141 -10.93 -16.37 -8.23
CA LEU B 141 -9.47 -16.30 -8.05
C LEU B 141 -8.98 -16.84 -6.71
N SER B 142 -9.83 -16.73 -5.69
CA SER B 142 -9.44 -17.10 -4.34
C SER B 142 -9.80 -18.55 -4.00
N ARG B 143 -9.99 -19.33 -5.06
CA ARG B 143 -10.07 -20.76 -4.89
C ARG B 143 -8.74 -21.41 -5.25
N PHE B 144 -7.96 -20.72 -6.08
CA PHE B 144 -6.80 -21.33 -6.74
C PHE B 144 -5.46 -20.70 -6.44
N TYR B 145 -5.45 -19.67 -5.61
CA TYR B 145 -4.15 -19.16 -5.24
C TYR B 145 -3.59 -20.06 -4.14
N ASP B 146 -2.27 -20.16 -4.11
CA ASP B 146 -1.56 -21.00 -3.16
C ASP B 146 -0.72 -20.13 -2.22
N GLU B 147 -1.22 -19.86 -1.03
CA GLU B 147 -0.58 -18.89 -0.14
C GLU B 147 0.88 -19.19 0.16
N ALA B 148 1.16 -20.41 0.62
CA ALA B 148 2.53 -20.79 0.94
C ALA B 148 3.43 -20.59 -0.29
N LEU B 149 2.92 -20.96 -1.45
CA LEU B 149 3.67 -20.75 -2.68
C LEU B 149 3.93 -19.26 -2.92
N ILE B 150 2.94 -18.43 -2.62
CA ILE B 150 3.03 -16.98 -2.79
C ILE B 150 4.11 -16.42 -1.89
N ARG B 151 4.06 -16.85 -0.63
CA ARG B 151 5.00 -16.44 0.39
C ARG B 151 6.43 -16.81 0.01
N LYS B 152 6.58 -17.96 -0.63
CA LYS B 152 7.86 -18.39 -1.14
C LYS B 152 8.31 -17.37 -2.14
N ILE B 153 7.62 -17.34 -3.29
CA ILE B 153 7.95 -16.43 -4.39
C ILE B 153 8.12 -14.94 -4.03
N TYR B 154 7.19 -14.41 -3.25
CA TYR B 154 7.18 -12.98 -2.89
C TYR B 154 7.89 -12.73 -1.55
N LYS B 155 8.73 -13.69 -1.16
CA LYS B 155 9.58 -13.60 0.04
C LYS B 155 8.98 -12.96 1.29
N LEU B 156 7.86 -13.51 1.80
CA LEU B 156 7.15 -12.90 2.92
C LEU B 156 7.44 -13.53 4.28
N SER B 157 7.82 -12.68 5.25
CA SER B 157 8.03 -13.09 6.64
C SER B 157 6.81 -13.82 7.23
N ASP B 158 7.09 -14.88 7.98
CA ASP B 158 6.05 -15.68 8.62
C ASP B 158 5.39 -14.92 9.75
N ASP B 159 6.01 -13.83 10.16
CA ASP B 159 5.44 -12.92 11.15
C ASP B 159 4.33 -12.12 10.51
N PHE B 160 4.42 -11.92 9.19
CA PHE B 160 3.34 -11.28 8.45
C PHE B 160 2.14 -12.22 8.39
N LYS B 161 1.08 -11.83 9.10
CA LYS B 161 -0.11 -12.67 9.22
C LYS B 161 -1.39 -11.83 9.02
N PRO B 162 -1.80 -11.64 7.74
CA PRO B 162 -2.96 -10.83 7.37
C PRO B 162 -4.32 -11.46 7.74
N GLN B 163 -5.29 -10.61 8.11
CA GLN B 163 -6.62 -11.08 8.54
C GLN B 163 -7.38 -11.81 7.42
N ASP B 164 -7.06 -11.51 6.17
CA ASP B 164 -7.81 -12.04 5.03
C ASP B 164 -7.03 -11.87 3.73
N VAL B 165 -7.70 -12.04 2.61
CA VAL B 165 -7.02 -12.00 1.32
C VAL B 165 -6.61 -10.57 0.95
N ASN B 166 -7.41 -9.59 1.36
CA ASN B 166 -7.03 -8.21 1.12
C ASN B 166 -5.68 -7.95 1.73
N GLY B 167 -5.49 -8.46 2.94
CA GLY B 167 -4.22 -8.30 3.64
C GLY B 167 -3.07 -8.84 2.83
N LEU B 168 -3.28 -10.03 2.28
CA LEU B 168 -2.30 -10.66 1.41
C LEU B 168 -2.08 -9.80 0.17
N SER B 169 -3.16 -9.58 -0.58
CA SER B 169 -3.15 -8.80 -1.81
C SER B 169 -2.26 -7.56 -1.67
N ARG B 170 -2.57 -6.75 -0.66
CA ARG B 170 -1.87 -5.51 -0.39
C ARG B 170 -0.35 -5.71 -0.47
N ALA B 171 0.16 -6.62 0.35
CA ALA B 171 1.57 -7.01 0.35
C ALA B 171 2.16 -7.35 -1.05
N LEU B 172 1.32 -7.78 -1.98
CA LEU B 172 1.81 -8.16 -3.31
C LEU B 172 1.77 -6.96 -4.23
N VAL B 173 0.76 -6.12 -4.04
CA VAL B 173 0.67 -4.88 -4.77
C VAL B 173 1.91 -4.04 -4.46
N ASP B 174 2.28 -3.97 -3.18
CA ASP B 174 3.46 -3.26 -2.72
C ASP B 174 4.67 -3.76 -3.49
N ALA B 175 4.82 -5.08 -3.52
CA ALA B 175 5.96 -5.71 -4.16
C ALA B 175 5.97 -5.45 -5.66
N ILE B 176 4.81 -5.57 -6.28
CA ILE B 176 4.67 -5.34 -7.71
C ILE B 176 4.99 -3.89 -8.06
N GLN B 177 4.60 -2.98 -7.17
CA GLN B 177 4.69 -1.54 -7.42
C GLN B 177 6.10 -0.95 -7.23
N LEU B 178 6.89 -1.54 -6.33
CA LEU B 178 8.24 -1.07 -6.09
C LEU B 178 9.27 -1.56 -7.11
N ARG B 179 8.79 -2.05 -8.26
CA ARG B 179 9.69 -2.40 -9.35
C ARG B 179 10.53 -1.20 -9.80
S SO4 C . -5.20 0.55 7.16
O1 SO4 C . -4.87 1.88 7.65
O2 SO4 C . -4.77 0.41 5.76
O3 SO4 C . -6.67 0.38 7.18
O4 SO4 C . -4.53 -0.46 7.99
S SO4 D . 1.85 21.19 11.60
O1 SO4 D . 2.24 19.86 11.11
O2 SO4 D . 3.09 22.01 11.69
O3 SO4 D . 0.87 21.80 10.64
O4 SO4 D . 1.23 21.07 12.94
S SO4 E . -15.38 8.89 30.85
O1 SO4 E . -16.39 8.89 29.81
O2 SO4 E . -14.08 9.12 30.24
O3 SO4 E . -15.68 9.93 31.81
O4 SO4 E . -15.35 7.60 31.55
S SO4 F . -18.97 -18.91 -12.59
O1 SO4 F . -18.82 -17.52 -12.16
O2 SO4 F . -18.39 -19.16 -13.90
O3 SO4 F . -20.39 -19.25 -12.57
O4 SO4 F . -18.30 -19.77 -11.62
S SO4 G . -19.59 -23.21 -5.02
O1 SO4 G . -20.40 -22.29 -5.83
O2 SO4 G . -18.64 -23.92 -5.88
O3 SO4 G . -18.88 -22.44 -3.97
O4 SO4 G . -20.46 -24.18 -4.35
#